data_7ULI
#
_entry.id   7ULI
#
_cell.length_a   85.578
_cell.length_b   85.578
_cell.length_c   266.654
_cell.angle_alpha   90.000
_cell.angle_beta   90.000
_cell.angle_gamma   90.000
#
_symmetry.space_group_name_H-M   'I 41 2 2'
#
loop_
_entity.id
_entity.type
_entity.pdbx_description
1 polymer '3-hydroxy-3-methylglutaryl-coenzyme A reductase 1'
2 water water
#
_entity_poly.entity_id   1
_entity_poly.type   'polypeptide(L)'
_entity_poly.pdbx_seq_one_letter_code
;MDLRRRPPKPPVTNNNNSNGSFRSYQPRTSDDDHRRRATTIAPPPKASDALPLPLYLTNAVFFTLFFSVAYYLLHRWRDK
IRYNTPLHVVTITELGAIIALIASFIYLLGFFGIDFVQSFISRASGDAWDLADTIDDDDHRLVTCSPPTPIVSVAKLPNP
EPIVTESLPEEDEEIVKSVIDGVIPSYSLESRLGDCKRAASIRREALQRVTGRSIEGLPLDGFDYESILGQCCEMPVGYI
QIPVGIAGPLLLDGYEYSVPMATTEGCLVASTNRGCKAMFISGGATSTVLKDGMTRAPVVRFASARRASELKFFLENPEN
FDTLAVVFNRSSRFARLQSVKCTIAGKNAYVRFCCSTGDAMGMNMVSKGVQNVLEYLTDDFPDMDVIGISGNFCSDKKPA
AVNWIEGRGKSVVCEAVIRGEIVNKVLKTSVAALVELNMLKNLAGSAVAGSLGGFNAHASNIVSAVFIATGQDPAQNVES
SQCITMMEAINDGKDIHISVTMPSIEVGTVGGGTQLASQSACLNLLGVKGASTESPGMNARRLATIVAGAVLAGELSLMS
AIAAGQLVRSHMKYNRSSRDISGATTTTTTTT
;
_entity_poly.pdbx_strand_id   AAA
#
# COMPACT_ATOMS: atom_id res chain seq x y z
N LYS A 177 -34.03 4.19 26.63
CA LYS A 177 -33.55 2.97 27.34
C LYS A 177 -34.42 1.76 26.99
N SER A 178 -35.70 2.01 26.68
CA SER A 178 -36.65 0.96 26.20
C SER A 178 -36.22 0.42 24.84
N VAL A 179 -35.46 1.22 24.09
CA VAL A 179 -34.88 0.82 22.76
C VAL A 179 -33.91 -0.34 22.99
N ILE A 180 -33.04 -0.24 24.02
CA ILE A 180 -32.08 -1.31 24.42
C ILE A 180 -32.87 -2.60 24.70
N ASP A 181 -34.10 -2.43 25.22
CA ASP A 181 -35.03 -3.56 25.50
C ASP A 181 -35.20 -4.37 24.21
N GLY A 182 -35.78 -3.75 23.17
CA GLY A 182 -35.98 -4.42 21.86
C GLY A 182 -36.12 -3.41 20.74
N ILE A 184 -32.39 -6.08 22.58
CA ILE A 184 -31.98 -7.36 23.24
C ILE A 184 -32.99 -8.47 22.93
N PRO A 185 -34.32 -8.19 23.01
CA PRO A 185 -35.33 -9.23 22.82
C PRO A 185 -35.50 -9.64 21.35
N SER A 186 -35.66 -8.62 20.48
CA SER A 186 -35.79 -8.82 19.02
C SER A 186 -36.87 -7.87 18.47
CA LEU A 189 -29.48 -4.27 14.87
C LEU A 189 -29.06 -3.17 13.86
N GLU A 190 -29.80 -3.19 12.70
CA GLU A 190 -29.60 -2.19 11.60
C GLU A 190 -30.65 -1.11 11.74
N SER A 191 -30.33 -0.08 12.57
CA SER A 191 -31.17 1.14 12.75
C SER A 191 -31.77 1.54 11.40
N LEU A 193 -33.53 5.61 13.72
CA LEU A 193 -33.46 6.48 14.91
C LEU A 193 -32.56 7.70 14.62
N CYS A 196 -26.92 9.39 13.47
CA CYS A 196 -25.99 8.23 13.54
C CYS A 196 -25.56 7.98 14.98
N LYS A 197 -25.20 9.05 15.70
CA LYS A 197 -24.70 9.02 17.10
C LYS A 197 -25.77 8.44 18.04
N ARG A 198 -27.04 8.83 17.85
CA ARG A 198 -28.19 8.35 18.66
C ARG A 198 -28.24 6.81 18.58
N ALA A 199 -28.21 6.27 17.36
CA ALA A 199 -28.15 4.82 17.05
C ALA A 199 -26.88 4.19 17.64
N ALA A 200 -25.72 4.85 17.44
CA ALA A 200 -24.40 4.43 17.99
C ALA A 200 -24.52 4.17 19.49
N SER A 201 -25.14 5.11 20.24
CA SER A 201 -25.32 5.09 21.72
C SER A 201 -26.22 3.92 22.14
N ILE A 202 -27.33 3.71 21.41
CA ILE A 202 -28.35 2.66 21.69
C ILE A 202 -27.69 1.27 21.67
N ARG A 203 -26.96 0.95 20.59
CA ARG A 203 -26.28 -0.35 20.34
C ARG A 203 -25.27 -0.65 21.46
N ARG A 204 -24.55 0.36 21.96
CA ARG A 204 -23.51 0.22 23.03
C ARG A 204 -24.10 -0.41 24.30
N GLU A 205 -25.23 0.12 24.79
CA GLU A 205 -25.93 -0.37 26.01
C GLU A 205 -26.46 -1.78 25.76
N ALA A 206 -27.13 -2.00 24.62
CA ALA A 206 -27.63 -3.31 24.15
C ALA A 206 -26.50 -4.35 24.20
N LEU A 207 -25.29 -3.98 23.77
CA LEU A 207 -24.10 -4.86 23.68
C LEU A 207 -23.54 -5.19 25.07
N GLN A 208 -23.41 -4.19 25.95
CA GLN A 208 -22.92 -4.37 27.35
C GLN A 208 -23.92 -5.20 28.15
N ARG A 209 -25.22 -4.90 28.01
CA ARG A 209 -26.34 -5.62 28.69
C ARG A 209 -26.32 -7.10 28.26
N VAL A 210 -26.38 -7.37 26.94
CA VAL A 210 -26.45 -8.73 26.33
C VAL A 210 -25.13 -9.48 26.56
N THR A 211 -23.97 -8.80 26.47
CA THR A 211 -22.61 -9.41 26.54
C THR A 211 -22.21 -9.70 28.01
N GLY A 212 -22.63 -8.85 28.95
CA GLY A 212 -22.19 -8.90 30.37
C GLY A 212 -20.82 -8.27 30.54
N ARG A 213 -20.29 -7.65 29.48
CA ARG A 213 -18.91 -7.12 29.40
C ARG A 213 -18.95 -5.58 29.32
N SER A 214 -18.18 -4.91 30.17
CA SER A 214 -17.96 -3.44 30.12
C SER A 214 -17.04 -3.10 28.95
N ILE A 215 -17.46 -2.15 28.09
CA ILE A 215 -16.60 -1.51 27.06
C ILE A 215 -16.43 -0.04 27.45
N GLU A 216 -16.07 0.19 28.72
CA GLU A 216 -16.10 1.52 29.38
C GLU A 216 -15.10 2.46 28.70
N GLY A 217 -13.87 2.00 28.46
CA GLY A 217 -12.76 2.83 27.93
C GLY A 217 -12.80 3.03 26.42
N LEU A 218 -13.78 2.44 25.71
CA LEU A 218 -14.02 2.70 24.27
C LEU A 218 -14.87 3.96 24.17
N PRO A 219 -14.33 5.09 23.67
CA PRO A 219 -15.11 6.32 23.54
C PRO A 219 -16.22 6.25 22.47
N LEU A 220 -17.33 6.95 22.71
CA LEU A 220 -18.43 7.20 21.74
C LEU A 220 -18.32 8.65 21.25
N ASP A 221 -18.19 9.60 22.18
CA ASP A 221 -18.15 11.07 21.91
C ASP A 221 -16.82 11.47 21.27
N GLY A 222 -16.84 12.47 20.39
CA GLY A 222 -15.64 13.08 19.79
C GLY A 222 -15.47 12.69 18.32
N PHE A 223 -16.40 11.93 17.77
CA PHE A 223 -16.33 11.40 16.38
C PHE A 223 -17.65 11.68 15.65
N ASP A 224 -17.60 12.13 14.40
CA ASP A 224 -18.80 12.36 13.56
C ASP A 224 -19.16 11.05 12.84
N TYR A 225 -20.22 10.37 13.28
CA TYR A 225 -20.59 9.02 12.79
C TYR A 225 -21.30 9.14 11.44
N GLU A 226 -21.75 10.35 11.08
CA GLU A 226 -22.32 10.62 9.73
C GLU A 226 -21.23 10.38 8.66
N SER A 227 -19.97 10.70 8.97
CA SER A 227 -18.83 10.55 8.02
C SER A 227 -18.77 9.12 7.50
N MET A 235 -22.20 -0.80 11.61
CA MET A 235 -22.87 -0.86 12.95
C MET A 235 -21.92 -0.35 14.04
N PRO A 236 -21.55 0.95 14.00
CA PRO A 236 -20.50 1.50 14.88
C PRO A 236 -20.98 1.48 16.34
N VAL A 237 -20.06 1.19 17.25
CA VAL A 237 -20.34 1.11 18.72
C VAL A 237 -19.36 2.05 19.46
N GLY A 238 -18.47 2.73 18.73
CA GLY A 238 -17.35 3.48 19.30
C GLY A 238 -16.21 3.63 18.31
N TYR A 239 -15.02 3.94 18.80
CA TYR A 239 -13.81 4.11 17.96
C TYR A 239 -12.59 3.85 18.85
N ILE A 240 -11.55 3.26 18.27
CA ILE A 240 -10.23 3.13 18.95
C ILE A 240 -9.40 4.37 18.62
N GLN A 241 -8.46 4.68 19.51
CA GLN A 241 -7.47 5.78 19.36
C GLN A 241 -6.06 5.21 19.24
N ILE A 242 -5.32 5.62 18.20
CA ILE A 242 -3.87 5.30 18.03
C ILE A 242 -3.12 6.61 17.96
N PRO A 243 -2.11 6.82 18.85
CA PRO A 243 -1.35 8.06 18.85
C PRO A 243 -0.46 8.19 17.61
N VAL A 244 -0.34 9.43 17.11
CA VAL A 244 0.43 9.82 15.90
C VAL A 244 1.71 10.51 16.37
N GLY A 245 2.86 9.89 16.10
CA GLY A 245 4.18 10.50 16.26
C GLY A 245 4.69 11.08 14.94
N ILE A 246 5.67 11.97 15.00
CA ILE A 246 6.21 12.63 13.78
C ILE A 246 7.66 12.22 13.60
N ALA A 247 7.99 11.72 12.40
CA ALA A 247 9.36 11.43 11.94
C ALA A 247 9.75 12.48 10.91
N GLY A 248 10.95 13.07 11.07
CA GLY A 248 11.50 14.00 10.06
C GLY A 248 12.46 15.03 10.66
N PRO A 249 12.83 16.07 9.88
CA PRO A 249 12.34 16.23 8.49
C PRO A 249 12.94 15.15 7.55
N LEU A 250 12.10 14.57 6.70
CA LEU A 250 12.51 13.64 5.61
C LEU A 250 12.72 14.47 4.35
N LEU A 251 13.96 14.55 3.87
CA LEU A 251 14.32 15.35 2.67
C LEU A 251 14.22 14.42 1.47
N LEU A 252 13.24 14.66 0.60
CA LEU A 252 12.84 13.72 -0.48
C LEU A 252 12.60 14.50 -1.77
N ASP A 253 13.38 14.23 -2.79
CA ASP A 253 13.30 14.88 -4.13
C ASP A 253 13.28 16.40 -3.94
N GLY A 254 14.05 16.93 -2.97
CA GLY A 254 14.21 18.37 -2.74
C GLY A 254 13.22 18.97 -1.76
N TYR A 255 12.22 18.21 -1.28
CA TYR A 255 11.18 18.73 -0.35
C TYR A 255 11.37 18.11 1.02
N GLU A 256 10.93 18.81 2.05
CA GLU A 256 11.00 18.38 3.46
C GLU A 256 9.61 17.96 3.95
N TYR A 257 9.52 16.81 4.61
CA TYR A 257 8.23 16.20 5.05
C TYR A 257 8.34 15.86 6.52
N SER A 258 7.29 16.17 7.25
CA SER A 258 7.03 15.71 8.63
C SER A 258 6.09 14.50 8.52
N VAL A 259 6.64 13.30 8.71
CA VAL A 259 5.94 12.02 8.36
C VAL A 259 5.10 11.58 9.54
N PRO A 260 3.75 11.54 9.39
CA PRO A 260 2.89 11.06 10.48
C PRO A 260 2.91 9.53 10.56
N MET A 261 3.13 9.00 11.75
CA MET A 261 3.26 7.55 12.01
C MET A 261 2.32 7.19 13.17
N ALA A 262 1.24 6.47 12.86
CA ALA A 262 0.23 5.99 13.82
C ALA A 262 0.71 4.65 14.38
N THR A 263 1.19 4.64 15.61
CA THR A 263 1.80 3.46 16.25
C THR A 263 1.74 3.60 17.76
N THR A 264 1.91 2.49 18.47
CA THR A 264 1.96 2.38 19.95
C THR A 264 3.39 2.70 20.43
N GLU A 265 4.40 2.38 19.63
CA GLU A 265 5.82 2.38 20.06
C GLU A 265 6.49 3.71 19.70
N GLY A 266 6.82 4.51 20.71
CA GLY A 266 7.72 5.68 20.59
C GLY A 266 9.05 5.32 19.94
N CYS A 267 9.51 4.08 20.12
N CYS A 267 9.51 4.08 20.11
CA CYS A 267 10.83 3.57 19.64
CA CYS A 267 10.84 3.58 19.64
C CYS A 267 10.86 3.46 18.11
C CYS A 267 10.86 3.44 18.11
N LEU A 268 9.71 3.18 17.48
CA LEU A 268 9.61 3.12 15.99
C LEU A 268 9.72 4.54 15.39
N VAL A 269 9.02 5.49 16.00
CA VAL A 269 9.08 6.92 15.56
C VAL A 269 10.51 7.44 15.77
N ALA A 270 11.10 7.17 16.93
CA ALA A 270 12.45 7.65 17.34
C ALA A 270 13.51 7.11 16.37
N SER A 271 13.42 5.82 16.05
CA SER A 271 14.36 5.11 15.13
C SER A 271 14.22 5.67 13.70
N THR A 272 13.00 5.88 13.23
CA THR A 272 12.73 6.41 11.86
C THR A 272 13.27 7.85 11.76
N ASN A 273 13.08 8.61 12.85
CA ASN A 273 13.58 9.99 13.04
C ASN A 273 15.12 10.01 12.90
N ARG A 274 15.83 9.09 13.55
CA ARG A 274 17.31 8.96 13.45
C ARG A 274 17.72 8.72 11.99
N GLY A 275 16.96 7.90 11.26
CA GLY A 275 17.23 7.62 9.83
C GLY A 275 17.03 8.87 8.98
N CYS A 276 15.98 9.64 9.27
CA CYS A 276 15.68 10.91 8.57
C CYS A 276 16.85 11.90 8.73
N LYS A 277 17.33 12.10 9.97
CA LYS A 277 18.48 13.00 10.29
C LYS A 277 19.71 12.60 9.46
N ALA A 278 20.07 11.31 9.46
CA ALA A 278 21.29 10.80 8.79
C ALA A 278 21.20 11.11 7.29
N MET A 279 20.04 10.87 6.67
CA MET A 279 19.83 11.16 5.22
C MET A 279 19.78 12.69 4.96
N PHE A 280 19.29 13.47 5.93
CA PHE A 280 19.10 14.94 5.79
C PHE A 280 20.48 15.62 5.59
N ILE A 281 21.51 15.14 6.29
CA ILE A 281 22.91 15.69 6.22
C ILE A 281 23.69 15.00 5.08
N SER A 282 23.07 14.08 4.34
CA SER A 282 23.71 13.24 3.29
C SER A 282 23.16 13.63 1.92
N GLY A 283 22.45 14.74 1.82
CA GLY A 283 21.87 15.25 0.56
C GLY A 283 20.43 14.80 0.36
N GLY A 284 19.85 14.07 1.31
CA GLY A 284 18.47 13.56 1.23
C GLY A 284 18.30 12.37 0.29
N ALA A 285 17.07 11.94 0.09
CA ALA A 285 16.68 10.77 -0.72
C ALA A 285 16.15 11.23 -2.08
N THR A 286 16.32 10.39 -3.09
CA THR A 286 15.74 10.52 -4.45
C THR A 286 14.82 9.30 -4.73
N SER A 287 13.56 9.57 -5.05
CA SER A 287 12.57 8.54 -5.45
C SER A 287 12.39 8.55 -6.96
N THR A 288 12.01 7.41 -7.51
CA THR A 288 11.60 7.24 -8.91
C THR A 288 10.39 6.32 -8.91
N VAL A 289 9.28 6.77 -9.50
CA VAL A 289 8.07 5.93 -9.75
C VAL A 289 8.32 5.13 -11.04
N LEU A 290 8.35 3.80 -10.94
CA LEU A 290 8.72 2.90 -12.04
C LEU A 290 7.46 2.42 -12.78
N LYS A 291 6.32 2.44 -12.10
CA LYS A 291 5.02 1.96 -12.65
C LYS A 291 3.90 2.38 -11.71
N ASP A 292 2.72 2.65 -12.27
CA ASP A 292 1.55 3.14 -11.50
C ASP A 292 0.27 2.61 -12.14
N GLY A 293 -0.33 1.59 -11.52
CA GLY A 293 -1.62 1.02 -11.98
C GLY A 293 -2.14 -0.04 -11.02
N MET A 294 -3.44 0.04 -10.72
CA MET A 294 -4.15 -0.93 -9.86
C MET A 294 -4.65 -2.08 -10.74
N THR A 295 -4.73 -3.29 -10.18
CA THR A 295 -5.13 -4.51 -10.96
C THR A 295 -6.34 -5.20 -10.31
N ARG A 296 -7.06 -5.92 -11.15
CA ARG A 296 -8.14 -6.86 -10.77
C ARG A 296 -8.05 -8.01 -11.78
N ALA A 297 -8.19 -9.25 -11.29
CA ALA A 297 -8.03 -10.47 -12.13
C ALA A 297 -9.22 -11.40 -11.90
N PRO A 298 -10.34 -11.25 -12.62
CA PRO A 298 -11.43 -12.22 -12.55
C PRO A 298 -10.97 -13.60 -13.02
N VAL A 299 -11.62 -14.65 -12.51
CA VAL A 299 -11.49 -16.03 -13.07
C VAL A 299 -12.77 -16.30 -13.88
N VAL A 300 -12.59 -16.62 -15.16
CA VAL A 300 -13.67 -17.08 -16.07
C VAL A 300 -13.28 -18.48 -16.58
N ARG A 301 -14.25 -19.25 -17.09
CA ARG A 301 -13.96 -20.58 -17.64
C ARG A 301 -14.86 -20.89 -18.85
N PHE A 302 -14.38 -21.83 -19.65
CA PHE A 302 -15.00 -22.36 -20.87
C PHE A 302 -15.08 -23.87 -20.72
N ALA A 303 -15.57 -24.53 -21.76
CA ALA A 303 -15.70 -26.00 -21.84
C ALA A 303 -14.31 -26.62 -22.14
N SER A 304 -13.38 -25.85 -22.71
CA SER A 304 -12.02 -26.34 -23.08
C SER A 304 -10.94 -25.26 -22.84
N ALA A 305 -9.69 -25.70 -22.69
CA ALA A 305 -8.48 -24.84 -22.65
C ALA A 305 -8.26 -24.22 -24.05
N ARG A 306 -8.58 -24.95 -25.10
CA ARG A 306 -8.47 -24.44 -26.49
C ARG A 306 -9.35 -23.18 -26.59
N ARG A 307 -10.58 -23.27 -26.11
CA ARG A 307 -11.56 -22.15 -26.16
C ARG A 307 -11.10 -21.02 -25.25
N ALA A 308 -10.63 -21.34 -24.04
CA ALA A 308 -10.07 -20.35 -23.09
C ALA A 308 -8.91 -19.60 -23.76
N SER A 309 -8.07 -20.30 -24.52
CA SER A 309 -6.90 -19.70 -25.20
C SER A 309 -7.36 -18.66 -26.24
N GLU A 310 -8.52 -18.87 -26.85
CA GLU A 310 -9.10 -17.93 -27.84
C GLU A 310 -9.47 -16.62 -27.14
N LEU A 311 -9.94 -16.65 -25.90
CA LEU A 311 -10.15 -15.39 -25.13
C LEU A 311 -8.78 -14.71 -24.92
N LYS A 312 -7.75 -15.48 -24.58
CA LYS A 312 -6.38 -14.97 -24.27
C LYS A 312 -5.87 -14.18 -25.48
N PHE A 313 -5.82 -14.86 -26.64
CA PHE A 313 -5.32 -14.30 -27.93
C PHE A 313 -6.16 -13.10 -28.38
N PHE A 314 -7.49 -13.14 -28.17
CA PHE A 314 -8.39 -11.98 -28.42
C PHE A 314 -7.97 -10.79 -27.54
N LEU A 315 -7.91 -10.98 -26.23
CA LEU A 315 -7.65 -9.90 -25.24
C LEU A 315 -6.22 -9.36 -25.39
N GLU A 316 -5.26 -10.19 -25.77
CA GLU A 316 -3.83 -9.77 -25.82
C GLU A 316 -3.44 -9.30 -27.22
N ASN A 317 -4.36 -9.29 -28.19
CA ASN A 317 -4.14 -8.81 -29.57
C ASN A 317 -4.15 -7.28 -29.57
N PRO A 318 -3.01 -6.61 -29.86
CA PRO A 318 -2.94 -5.15 -29.75
C PRO A 318 -4.01 -4.41 -30.56
N GLU A 319 -4.51 -5.02 -31.64
CA GLU A 319 -5.54 -4.43 -32.51
C GLU A 319 -6.86 -4.27 -31.74
N ASN A 320 -7.09 -5.06 -30.69
CA ASN A 320 -8.36 -5.04 -29.92
C ASN A 320 -8.28 -4.04 -28.77
N PHE A 321 -7.10 -3.51 -28.46
CA PHE A 321 -6.85 -2.75 -27.21
C PHE A 321 -7.81 -1.56 -27.11
N ASP A 322 -7.88 -0.74 -28.17
CA ASP A 322 -8.63 0.55 -28.14
C ASP A 322 -10.11 0.29 -27.84
N THR A 323 -10.68 -0.77 -28.41
CA THR A 323 -12.08 -1.18 -28.15
C THR A 323 -12.22 -1.58 -26.67
N LEU A 324 -11.30 -2.40 -26.15
CA LEU A 324 -11.37 -2.88 -24.74
C LEU A 324 -11.24 -1.68 -23.81
N ALA A 325 -10.35 -0.75 -24.13
CA ALA A 325 -10.08 0.47 -23.32
C ALA A 325 -11.33 1.38 -23.29
N VAL A 326 -11.98 1.58 -24.43
CA VAL A 326 -13.24 2.39 -24.53
C VAL A 326 -14.28 1.76 -23.60
N VAL A 327 -14.53 0.46 -23.75
CA VAL A 327 -15.50 -0.26 -22.87
C VAL A 327 -15.09 -0.08 -21.41
N PHE A 328 -13.80 -0.31 -21.09
CA PHE A 328 -13.27 -0.27 -19.70
C PHE A 328 -13.46 1.14 -19.11
N ASN A 329 -13.08 2.17 -19.88
CA ASN A 329 -12.89 3.55 -19.37
C ASN A 329 -14.24 4.25 -19.14
N ARG A 330 -15.37 3.64 -19.53
CA ARG A 330 -16.72 4.13 -19.13
C ARG A 330 -16.86 4.02 -17.61
N SER A 331 -16.04 3.16 -16.99
CA SER A 331 -15.91 3.01 -15.51
C SER A 331 -15.99 4.39 -14.84
N SER A 332 -15.21 5.38 -15.31
CA SER A 332 -15.00 6.65 -14.60
C SER A 332 -14.32 7.70 -15.48
N ARG A 333 -14.38 8.96 -15.04
CA ARG A 333 -13.63 10.10 -15.61
C ARG A 333 -12.12 9.81 -15.51
N PHE A 334 -11.72 9.02 -14.51
CA PHE A 334 -10.31 8.82 -14.10
C PHE A 334 -9.76 7.44 -14.49
N ALA A 335 -10.61 6.52 -14.95
CA ALA A 335 -10.22 5.14 -15.30
C ALA A 335 -9.54 5.14 -16.66
N ARG A 336 -8.29 4.70 -16.72
CA ARG A 336 -7.53 4.57 -17.98
C ARG A 336 -6.91 3.16 -18.01
N LEU A 337 -7.52 2.23 -18.74
CA LEU A 337 -6.94 0.89 -18.99
C LEU A 337 -5.52 1.04 -19.56
N GLN A 338 -4.57 0.27 -19.02
CA GLN A 338 -3.15 0.27 -19.46
C GLN A 338 -2.81 -1.06 -20.14
N SER A 339 -3.32 -2.18 -19.61
CA SER A 339 -2.95 -3.54 -20.08
C SER A 339 -3.98 -4.59 -19.65
N VAL A 340 -4.03 -5.66 -20.42
CA VAL A 340 -4.79 -6.90 -20.09
C VAL A 340 -3.85 -8.07 -20.34
N LYS A 341 -3.57 -8.86 -19.31
CA LYS A 341 -2.78 -10.10 -19.41
C LYS A 341 -3.70 -11.25 -18.97
N CYS A 342 -3.79 -12.28 -19.78
CA CYS A 342 -4.69 -13.43 -19.56
C CYS A 342 -3.83 -14.67 -19.35
N THR A 343 -3.81 -15.22 -18.14
CA THR A 343 -3.14 -16.52 -17.84
C THR A 343 -4.16 -17.66 -17.89
N ILE A 344 -3.87 -18.68 -18.67
CA ILE A 344 -4.70 -19.90 -18.82
C ILE A 344 -4.20 -20.96 -17.83
N ALA A 345 -5.11 -21.55 -17.05
CA ALA A 345 -4.90 -22.79 -16.26
C ALA A 345 -6.05 -23.77 -16.55
N GLY A 346 -5.75 -24.83 -17.28
CA GLY A 346 -6.76 -25.75 -17.85
C GLY A 346 -7.79 -24.98 -18.67
N LYS A 347 -9.09 -25.20 -18.42
CA LYS A 347 -10.17 -24.53 -19.15
C LYS A 347 -10.52 -23.20 -18.47
N ASN A 348 -9.66 -22.69 -17.61
CA ASN A 348 -9.89 -21.43 -16.86
C ASN A 348 -8.92 -20.33 -17.33
N ALA A 349 -9.40 -19.09 -17.35
CA ALA A 349 -8.59 -17.90 -17.64
C ALA A 349 -8.63 -16.95 -16.44
N TYR A 350 -7.46 -16.55 -15.96
CA TYR A 350 -7.26 -15.52 -14.91
C TYR A 350 -6.80 -14.24 -15.64
N VAL A 351 -7.70 -13.29 -15.78
CA VAL A 351 -7.55 -12.15 -16.72
C VAL A 351 -7.17 -10.92 -15.90
N ARG A 352 -5.90 -10.52 -15.96
CA ARG A 352 -5.35 -9.43 -15.12
C ARG A 352 -5.48 -8.12 -15.91
N PHE A 353 -6.37 -7.26 -15.44
CA PHE A 353 -6.57 -5.88 -15.93
C PHE A 353 -5.74 -4.95 -15.07
N CYS A 354 -5.01 -4.03 -15.72
CA CYS A 354 -4.21 -2.97 -15.07
C CYS A 354 -4.67 -1.61 -15.61
N CYS A 355 -4.99 -0.67 -14.74
CA CYS A 355 -5.44 0.70 -15.14
C CYS A 355 -4.97 1.73 -14.12
N SER A 356 -4.80 2.98 -14.56
CA SER A 356 -4.62 4.16 -13.67
C SER A 356 -5.98 4.60 -13.15
N THR A 357 -6.00 5.22 -11.96
CA THR A 357 -7.23 5.47 -11.20
C THR A 357 -7.22 6.86 -10.57
N GLY A 358 -6.45 7.79 -11.15
CA GLY A 358 -6.15 9.09 -10.54
C GLY A 358 -5.64 8.90 -9.12
N ASP A 359 -6.18 9.64 -8.17
CA ASP A 359 -5.67 9.72 -6.77
C ASP A 359 -6.34 8.68 -5.87
N ALA A 360 -7.30 7.92 -6.40
CA ALA A 360 -7.98 6.80 -5.69
C ALA A 360 -7.07 5.57 -5.68
N MET A 361 -7.08 4.84 -4.59
CA MET A 361 -6.39 3.51 -4.51
C MET A 361 -6.88 2.68 -5.71
N GLY A 362 -8.19 2.68 -5.95
CA GLY A 362 -8.76 2.38 -7.28
C GLY A 362 -9.35 0.98 -7.41
N MET A 363 -9.51 0.26 -6.31
CA MET A 363 -10.06 -1.14 -6.30
C MET A 363 -11.51 -1.14 -6.85
N ASN A 364 -12.34 -0.18 -6.46
CA ASN A 364 -13.74 -0.08 -6.96
C ASN A 364 -13.73 0.33 -8.44
N MET A 365 -12.85 1.23 -8.86
CA MET A 365 -12.78 1.68 -10.28
C MET A 365 -12.38 0.53 -11.21
N VAL A 366 -11.28 -0.17 -10.91
CA VAL A 366 -10.79 -1.29 -11.76
C VAL A 366 -11.91 -2.35 -11.88
N SER A 367 -12.65 -2.58 -10.79
CA SER A 367 -13.77 -3.57 -10.71
C SER A 367 -14.93 -3.21 -11.65
N LYS A 368 -15.40 -1.95 -11.64
CA LYS A 368 -16.48 -1.47 -12.55
C LYS A 368 -16.02 -1.69 -13.99
N GLY A 369 -14.75 -1.33 -14.29
CA GLY A 369 -14.15 -1.44 -15.62
C GLY A 369 -14.12 -2.88 -16.11
N VAL A 370 -13.79 -3.81 -15.20
CA VAL A 370 -13.71 -5.27 -15.50
C VAL A 370 -15.14 -5.75 -15.82
N GLN A 371 -16.13 -5.32 -15.05
CA GLN A 371 -17.57 -5.68 -15.28
C GLN A 371 -18.01 -5.20 -16.66
N ASN A 372 -17.56 -4.02 -17.10
CA ASN A 372 -17.92 -3.50 -18.44
C ASN A 372 -17.38 -4.46 -19.49
N VAL A 373 -16.13 -4.90 -19.31
CA VAL A 373 -15.44 -5.71 -20.35
C VAL A 373 -16.06 -7.11 -20.36
N LEU A 374 -16.41 -7.65 -19.19
CA LEU A 374 -17.02 -9.00 -19.08
C LEU A 374 -18.41 -9.01 -19.73
N GLU A 375 -19.17 -7.91 -19.60
CA GLU A 375 -20.50 -7.73 -20.25
C GLU A 375 -20.31 -7.60 -21.76
N TYR A 376 -19.39 -6.75 -22.21
CA TYR A 376 -19.07 -6.57 -23.66
C TYR A 376 -18.66 -7.90 -24.29
N LEU A 377 -17.99 -8.78 -23.54
CA LEU A 377 -17.44 -10.05 -24.07
C LEU A 377 -18.54 -11.11 -24.31
N THR A 378 -19.75 -10.94 -23.74
CA THR A 378 -20.85 -11.93 -23.91
C THR A 378 -21.25 -12.06 -25.39
N ASP A 379 -20.94 -11.06 -26.22
CA ASP A 379 -21.16 -11.12 -27.69
C ASP A 379 -20.29 -12.22 -28.31
N ASP A 380 -18.97 -12.06 -28.29
CA ASP A 380 -18.02 -12.98 -28.97
C ASP A 380 -17.76 -14.23 -28.12
N PHE A 381 -18.12 -14.20 -26.84
CA PHE A 381 -17.85 -15.30 -25.86
C PHE A 381 -19.10 -15.57 -25.04
N PRO A 382 -20.20 -16.06 -25.65
CA PRO A 382 -21.43 -16.35 -24.90
C PRO A 382 -21.31 -17.63 -24.05
N ASP A 383 -20.32 -18.49 -24.36
CA ASP A 383 -20.03 -19.73 -23.60
C ASP A 383 -19.23 -19.44 -22.32
N MET A 384 -18.78 -18.20 -22.11
CA MET A 384 -17.92 -17.82 -20.96
C MET A 384 -18.72 -17.86 -19.66
N ASP A 385 -18.28 -18.65 -18.66
CA ASP A 385 -18.80 -18.59 -17.26
C ASP A 385 -17.86 -17.72 -16.41
N VAL A 386 -18.38 -16.63 -15.85
CA VAL A 386 -17.66 -15.75 -14.89
C VAL A 386 -17.78 -16.41 -13.52
N ILE A 387 -16.68 -16.97 -13.01
CA ILE A 387 -16.63 -17.72 -11.73
C ILE A 387 -16.54 -16.69 -10.58
N GLY A 388 -15.77 -15.63 -10.77
CA GLY A 388 -15.65 -14.57 -9.76
C GLY A 388 -14.94 -13.36 -10.32
N ILE A 389 -15.30 -12.17 -9.79
CA ILE A 389 -14.67 -10.87 -10.13
C ILE A 389 -13.19 -10.88 -9.65
N SER A 390 -12.87 -11.63 -8.59
CA SER A 390 -11.47 -11.90 -8.16
C SER A 390 -11.22 -13.41 -8.17
N GLY A 391 -10.25 -13.86 -8.97
CA GLY A 391 -9.71 -15.23 -8.96
C GLY A 391 -8.38 -15.34 -8.23
N ASN A 392 -8.05 -14.36 -7.37
CA ASN A 392 -6.84 -14.34 -6.50
C ASN A 392 -5.54 -14.10 -7.31
N PHE A 393 -5.64 -13.73 -8.58
CA PHE A 393 -4.48 -13.44 -9.46
C PHE A 393 -4.19 -11.92 -9.52
N CYS A 394 -4.92 -11.12 -8.71
CA CYS A 394 -4.86 -9.63 -8.74
C CYS A 394 -3.45 -9.14 -8.37
N SER A 395 -2.93 -9.53 -7.19
CA SER A 395 -3.58 -10.31 -6.15
C SER A 395 -3.76 -9.43 -4.91
N ASP A 396 -4.98 -9.29 -4.41
CA ASP A 396 -5.34 -8.25 -3.39
C ASP A 396 -5.19 -8.82 -1.98
N LYS A 397 -4.43 -8.12 -1.13
CA LYS A 397 -4.31 -8.38 0.33
C LYS A 397 -3.75 -9.78 0.57
N LYS A 398 -2.90 -10.27 -0.34
CA LYS A 398 -2.20 -11.56 -0.22
C LYS A 398 -0.78 -11.38 -0.76
N PRO A 399 0.26 -12.07 -0.21
CA PRO A 399 1.59 -12.04 -0.80
C PRO A 399 1.59 -12.95 -2.02
N ALA A 400 1.89 -12.39 -3.18
CA ALA A 400 1.89 -13.17 -4.43
C ALA A 400 3.05 -12.76 -5.33
N ALA A 401 3.62 -13.72 -6.03
CA ALA A 401 4.75 -13.46 -6.92
C ALA A 401 4.30 -12.60 -8.12
N VAL A 402 3.01 -12.68 -8.49
CA VAL A 402 2.49 -11.85 -9.62
C VAL A 402 2.75 -10.39 -9.28
N ASN A 403 2.54 -9.97 -8.03
CA ASN A 403 2.70 -8.56 -7.60
C ASN A 403 4.20 -8.20 -7.48
N TRP A 404 5.02 -9.14 -7.06
CA TRP A 404 6.48 -8.92 -6.91
C TRP A 404 7.10 -8.74 -8.30
N ILE A 405 6.74 -9.62 -9.24
CA ILE A 405 7.28 -9.64 -10.62
C ILE A 405 6.69 -8.47 -11.42
N GLU A 406 5.37 -8.26 -11.35
CA GLU A 406 4.61 -7.42 -12.30
C GLU A 406 4.38 -6.02 -11.69
N GLY A 407 4.40 -5.93 -10.37
CA GLY A 407 3.99 -4.72 -9.63
C GLY A 407 2.48 -4.65 -9.44
N ARG A 408 2.03 -3.80 -8.51
CA ARG A 408 0.59 -3.49 -8.30
C ARG A 408 0.49 -2.16 -7.56
N GLY A 409 -0.37 -1.26 -8.03
CA GLY A 409 -0.40 0.11 -7.51
C GLY A 409 0.86 0.85 -7.92
N LYS A 410 1.59 1.44 -6.97
CA LYS A 410 2.82 2.22 -7.29
C LYS A 410 4.06 1.36 -7.03
N SER A 411 4.85 1.13 -8.08
CA SER A 411 6.20 0.53 -8.01
C SER A 411 7.24 1.65 -7.88
N VAL A 412 7.98 1.68 -6.79
CA VAL A 412 8.84 2.82 -6.39
C VAL A 412 10.23 2.31 -6.01
N VAL A 413 11.25 3.04 -6.42
CA VAL A 413 12.63 2.89 -5.88
C VAL A 413 13.02 4.22 -5.22
N CYS A 414 13.63 4.13 -4.05
CA CYS A 414 14.09 5.29 -3.26
C CYS A 414 15.53 5.04 -2.81
N GLU A 415 16.41 6.04 -2.99
CA GLU A 415 17.87 5.88 -2.80
C GLU A 415 18.49 7.13 -2.17
N ALA A 416 19.63 6.90 -1.53
CA ALA A 416 20.45 7.94 -0.86
C ALA A 416 21.89 7.43 -0.82
N VAL A 417 22.83 8.36 -0.68
CA VAL A 417 24.28 8.04 -0.51
C VAL A 417 24.69 8.61 0.84
N ILE A 418 25.19 7.76 1.72
CA ILE A 418 25.75 8.18 3.03
C ILE A 418 27.28 8.13 2.91
N ARG A 419 27.93 9.26 3.16
CA ARG A 419 29.41 9.40 3.09
C ARG A 419 30.05 8.62 4.25
N GLY A 420 31.20 7.98 3.98
CA GLY A 420 32.01 7.27 4.99
C GLY A 420 32.12 8.03 6.31
N GLU A 421 32.45 9.31 6.27
CA GLU A 421 32.67 10.14 7.49
C GLU A 421 31.38 10.18 8.33
N ILE A 422 30.20 10.17 7.71
CA ILE A 422 28.89 10.19 8.43
C ILE A 422 28.55 8.78 8.92
N VAL A 423 28.90 7.74 8.15
CA VAL A 423 28.70 6.32 8.58
C VAL A 423 29.52 6.07 9.85
N ASN A 424 30.77 6.54 9.88
CA ASN A 424 31.68 6.47 11.06
C ASN A 424 31.09 7.32 12.20
N LYS A 425 30.95 8.63 12.02
CA LYS A 425 30.75 9.58 13.17
C LYS A 425 29.31 9.53 13.67
N VAL A 426 28.32 9.43 12.77
CA VAL A 426 26.89 9.53 13.17
C VAL A 426 26.30 8.13 13.41
N LEU A 427 26.55 7.17 12.52
CA LEU A 427 25.87 5.85 12.57
C LEU A 427 26.72 4.85 13.36
N LYS A 428 27.94 5.23 13.73
CA LYS A 428 28.83 4.48 14.65
C LYS A 428 29.17 3.11 14.05
N THR A 429 29.28 3.01 12.72
CA THR A 429 29.67 1.74 12.04
C THR A 429 30.59 2.07 10.86
N SER A 430 30.83 1.08 10.00
CA SER A 430 31.63 1.21 8.74
C SER A 430 30.76 0.88 7.53
N VAL A 431 31.19 1.34 6.36
CA VAL A 431 30.57 0.98 5.06
C VAL A 431 30.57 -0.57 4.94
N ALA A 432 31.70 -1.20 5.24
CA ALA A 432 31.91 -2.67 5.10
C ALA A 432 30.88 -3.43 5.94
N ALA A 433 30.69 -3.03 7.20
CA ALA A 433 29.82 -3.71 8.17
C ALA A 433 28.37 -3.62 7.70
N LEU A 434 27.95 -2.47 7.16
CA LEU A 434 26.55 -2.25 6.70
C LEU A 434 26.28 -3.11 5.45
N VAL A 435 27.22 -3.13 4.50
CA VAL A 435 27.08 -3.91 3.24
C VAL A 435 26.99 -5.40 3.60
N GLU A 436 27.85 -5.85 4.52
CA GLU A 436 27.90 -7.27 4.95
C GLU A 436 26.61 -7.64 5.70
N LEU A 437 26.15 -6.79 6.61
CA LEU A 437 24.89 -7.06 7.36
C LEU A 437 23.72 -7.14 6.36
N ASN A 438 23.67 -6.25 5.35
CA ASN A 438 22.56 -6.25 4.37
C ASN A 438 22.56 -7.59 3.62
N MET A 439 23.74 -8.05 3.21
CA MET A 439 23.89 -9.29 2.44
C MET A 439 23.52 -10.50 3.33
N LEU A 440 23.91 -10.51 4.61
CA LEU A 440 23.73 -11.69 5.49
C LEU A 440 22.31 -11.73 6.06
N LYS A 441 21.73 -10.55 6.37
CA LYS A 441 20.38 -10.44 6.98
C LYS A 441 19.30 -10.34 5.89
N ASN A 442 19.33 -9.28 5.09
CA ASN A 442 18.22 -8.91 4.18
C ASN A 442 18.22 -9.76 2.91
N LEU A 443 19.38 -10.28 2.48
CA LEU A 443 19.45 -11.08 1.24
C LEU A 443 19.56 -12.57 1.60
N ALA A 444 20.69 -13.04 2.13
CA ALA A 444 20.94 -14.46 2.46
C ALA A 444 19.91 -14.97 3.48
N GLY A 445 19.67 -14.21 4.55
CA GLY A 445 18.74 -14.60 5.63
C GLY A 445 17.33 -14.82 5.11
N SER A 446 16.83 -13.87 4.30
CA SER A 446 15.48 -13.94 3.69
C SER A 446 15.40 -15.12 2.71
N ALA A 447 16.49 -15.37 1.98
CA ALA A 447 16.63 -16.51 1.05
C ALA A 447 16.51 -17.83 1.83
N VAL A 448 17.21 -17.94 2.94
CA VAL A 448 17.26 -19.16 3.81
C VAL A 448 15.85 -19.37 4.42
N ALA A 449 15.15 -18.29 4.73
CA ALA A 449 13.78 -18.28 5.31
C ALA A 449 12.73 -18.62 4.24
N GLY A 450 13.08 -18.59 2.95
CA GLY A 450 12.12 -18.80 1.85
C GLY A 450 11.16 -17.64 1.71
N SER A 451 11.68 -16.42 1.80
CA SER A 451 10.90 -15.16 1.75
C SER A 451 10.36 -14.95 0.33
N LEU A 452 9.18 -14.36 0.24
CA LEU A 452 8.63 -13.77 -1.00
C LEU A 452 8.48 -12.27 -0.77
N GLY A 453 9.33 -11.46 -1.39
CA GLY A 453 9.28 -9.99 -1.29
C GLY A 453 9.71 -9.47 0.08
N GLY A 454 10.28 -10.30 0.94
CA GLY A 454 10.65 -9.92 2.33
C GLY A 454 12.14 -9.69 2.50
N PHE A 455 12.80 -9.05 1.53
CA PHE A 455 14.28 -8.87 1.49
C PHE A 455 14.64 -7.53 2.13
N ASN A 456 14.23 -7.33 3.38
CA ASN A 456 14.30 -6.05 4.09
C ASN A 456 14.21 -6.33 5.60
N ALA A 457 14.53 -5.32 6.41
CA ALA A 457 14.62 -5.46 7.88
C ALA A 457 13.24 -5.27 8.50
N HIS A 458 12.53 -4.15 8.26
CA HIS A 458 11.21 -3.89 8.90
C HIS A 458 10.35 -2.88 8.12
N ALA A 459 10.30 -3.01 6.80
CA ALA A 459 9.48 -2.12 5.94
C ALA A 459 8.03 -2.13 6.47
N SER A 460 7.55 -3.30 6.89
CA SER A 460 6.16 -3.52 7.36
C SER A 460 5.83 -2.55 8.53
N ASN A 461 6.76 -2.40 9.46
CA ASN A 461 6.59 -1.50 10.62
C ASN A 461 6.27 -0.08 10.16
N ILE A 462 7.03 0.44 9.20
CA ILE A 462 6.91 1.85 8.73
C ILE A 462 5.66 1.99 7.86
N VAL A 463 5.49 1.11 6.86
CA VAL A 463 4.29 1.09 5.97
C VAL A 463 3.01 1.09 6.83
N SER A 464 2.90 0.20 7.82
CA SER A 464 1.67 0.05 8.64
C SER A 464 1.35 1.38 9.36
N ALA A 465 2.38 2.00 9.97
CA ALA A 465 2.25 3.23 10.78
C ALA A 465 1.78 4.38 9.89
N VAL A 466 2.34 4.53 8.70
CA VAL A 466 1.97 5.64 7.77
C VAL A 466 0.59 5.32 7.17
N PHE A 467 0.36 4.06 6.79
CA PHE A 467 -0.94 3.62 6.24
C PHE A 467 -2.09 4.00 7.18
N ILE A 468 -1.94 3.69 8.47
CA ILE A 468 -3.02 3.93 9.47
C ILE A 468 -3.18 5.44 9.73
N ALA A 469 -2.06 6.17 9.84
CA ALA A 469 -2.07 7.66 9.99
C ALA A 469 -2.85 8.30 8.84
N THR A 470 -2.69 7.83 7.60
CA THR A 470 -3.19 8.51 6.38
C THR A 470 -4.47 7.86 5.85
N GLY A 471 -5.10 6.99 6.65
CA GLY A 471 -6.40 6.37 6.37
C GLY A 471 -6.35 5.41 5.20
N GLN A 472 -5.21 4.78 4.94
CA GLN A 472 -5.10 3.74 3.88
C GLN A 472 -5.81 2.48 4.40
N ASP A 473 -5.94 1.47 3.54
CA ASP A 473 -6.48 0.14 3.92
C ASP A 473 -5.38 -0.66 4.63
N PRO A 474 -5.48 -0.92 5.95
CA PRO A 474 -4.41 -1.60 6.69
C PRO A 474 -4.15 -3.03 6.22
N ALA A 475 -5.11 -3.66 5.56
CA ALA A 475 -4.97 -5.03 5.02
C ALA A 475 -4.05 -5.05 3.81
N GLN A 476 -3.89 -3.94 3.12
CA GLN A 476 -3.02 -3.84 1.92
C GLN A 476 -1.56 -3.61 2.33
N ASN A 477 -1.30 -3.48 3.63
CA ASN A 477 0.07 -3.52 4.20
C ASN A 477 0.79 -4.80 3.77
N VAL A 478 0.04 -5.90 3.56
CA VAL A 478 0.59 -7.25 3.23
C VAL A 478 1.41 -7.15 1.93
N GLU A 479 0.90 -6.55 0.89
CA GLU A 479 1.70 -6.42 -0.35
C GLU A 479 2.43 -5.06 -0.42
N SER A 480 1.97 -4.03 0.29
CA SER A 480 2.60 -2.69 0.22
C SER A 480 3.95 -2.70 0.92
N SER A 481 4.19 -3.67 1.81
CA SER A 481 5.46 -3.83 2.57
C SER A 481 6.49 -4.63 1.77
N GLN A 482 6.11 -5.20 0.64
CA GLN A 482 7.06 -5.92 -0.25
C GLN A 482 8.24 -4.97 -0.54
N CYS A 483 9.46 -5.41 -0.31
CA CYS A 483 10.66 -4.53 -0.41
C CYS A 483 11.94 -5.35 -0.51
N ILE A 484 12.82 -4.99 -1.44
CA ILE A 484 14.25 -5.40 -1.40
C ILE A 484 15.10 -4.17 -1.04
N THR A 485 15.78 -4.25 0.09
CA THR A 485 16.79 -3.29 0.59
C THR A 485 18.15 -3.65 0.01
N MET A 486 18.79 -2.72 -0.72
CA MET A 486 20.16 -2.90 -1.29
C MET A 486 21.13 -1.88 -0.66
N MET A 487 22.30 -2.36 -0.21
CA MET A 487 23.37 -1.49 0.34
C MET A 487 24.70 -1.89 -0.30
N GLU A 488 25.29 -0.98 -1.05
CA GLU A 488 26.51 -1.23 -1.86
C GLU A 488 27.58 -0.16 -1.56
N ALA A 489 28.80 -0.61 -1.36
CA ALA A 489 30.01 0.25 -1.27
C ALA A 489 30.21 0.96 -2.62
N ILE A 490 30.35 2.30 -2.61
CA ILE A 490 30.73 3.08 -3.83
C ILE A 490 31.98 3.96 -3.53
N ASN A 491 32.54 4.58 -4.58
CA ASN A 491 33.66 5.56 -4.48
C ASN A 491 34.84 4.90 -3.77
N ASP A 492 35.32 3.79 -4.33
CA ASP A 492 36.46 3.00 -3.79
C ASP A 492 36.20 2.63 -2.34
N GLY A 493 34.97 2.22 -2.01
CA GLY A 493 34.62 1.68 -0.68
C GLY A 493 34.44 2.76 0.38
N LYS A 494 34.44 4.04 0.01
CA LYS A 494 34.44 5.17 0.98
C LYS A 494 33.02 5.49 1.43
N ASP A 495 32.07 5.38 0.52
CA ASP A 495 30.65 5.77 0.75
C ASP A 495 29.73 4.55 0.53
N ILE A 496 28.47 4.68 0.92
CA ILE A 496 27.48 3.58 0.79
C ILE A 496 26.26 4.13 0.04
N HIS A 497 25.90 3.45 -1.05
CA HIS A 497 24.62 3.65 -1.76
C HIS A 497 23.56 2.73 -1.11
N ILE A 498 22.51 3.33 -0.57
CA ILE A 498 21.38 2.61 0.09
C ILE A 498 20.11 2.83 -0.74
N SER A 499 19.29 1.79 -0.91
CA SER A 499 18.00 1.89 -1.63
C SER A 499 16.99 0.89 -1.09
N VAL A 500 15.71 1.24 -1.25
CA VAL A 500 14.56 0.32 -1.15
C VAL A 500 13.85 0.32 -2.50
N THR A 501 13.56 -0.88 -3.02
CA THR A 501 12.73 -1.09 -4.23
C THR A 501 11.45 -1.81 -3.78
N MET A 502 10.31 -1.15 -3.94
CA MET A 502 8.99 -1.56 -3.41
C MET A 502 8.03 -1.65 -4.57
N PRO A 503 7.75 -2.86 -5.09
CA PRO A 503 6.97 -3.00 -6.32
C PRO A 503 5.45 -2.78 -6.23
N SER A 504 4.86 -2.72 -5.02
CA SER A 504 3.38 -2.78 -4.88
C SER A 504 2.87 -1.94 -3.69
N ILE A 505 3.21 -0.65 -3.67
CA ILE A 505 2.68 0.33 -2.68
C ILE A 505 1.28 0.69 -3.15
N GLU A 506 0.26 0.35 -2.35
CA GLU A 506 -1.17 0.55 -2.71
C GLU A 506 -1.72 1.67 -1.82
N VAL A 507 -1.80 2.87 -2.37
CA VAL A 507 -2.22 4.11 -1.64
C VAL A 507 -3.18 4.91 -2.51
N GLY A 508 -4.03 5.67 -1.87
CA GLY A 508 -4.83 6.73 -2.49
C GLY A 508 -4.96 7.89 -1.53
N THR A 509 -5.39 9.04 -2.03
CA THR A 509 -5.56 10.26 -1.20
C THR A 509 -7.02 10.72 -1.26
N VAL A 510 -7.86 9.94 -1.95
CA VAL A 510 -9.31 10.21 -2.16
C VAL A 510 -10.05 8.91 -1.83
N GLY A 511 -11.20 9.02 -1.16
CA GLY A 511 -12.08 7.89 -0.85
C GLY A 511 -11.63 7.13 0.40
N GLY A 512 -12.48 6.22 0.88
CA GLY A 512 -12.19 5.29 1.99
C GLY A 512 -11.97 6.06 3.28
N GLY A 513 -11.00 5.64 4.09
CA GLY A 513 -10.63 6.30 5.34
C GLY A 513 -9.93 7.64 5.15
N THR A 514 -9.52 7.99 3.93
CA THR A 514 -8.69 9.20 3.66
C THR A 514 -9.51 10.49 3.90
N GLN A 515 -10.83 10.39 3.96
CA GLN A 515 -11.73 11.58 4.06
C GLN A 515 -12.37 11.68 5.44
N LEU A 516 -11.95 10.85 6.40
CA LEU A 516 -12.21 11.06 7.84
C LEU A 516 -11.30 12.19 8.34
N ALA A 517 -11.69 12.87 9.40
CA ALA A 517 -11.08 14.12 9.90
C ALA A 517 -9.59 13.92 10.25
N SER A 518 -9.31 12.98 11.16
CA SER A 518 -7.96 12.75 11.75
C SER A 518 -6.98 12.30 10.64
N GLN A 519 -7.40 11.42 9.74
CA GLN A 519 -6.54 10.84 8.68
C GLN A 519 -6.30 11.90 7.58
N SER A 520 -7.33 12.68 7.26
CA SER A 520 -7.28 13.87 6.35
C SER A 520 -6.22 14.87 6.81
N ALA A 521 -6.19 15.17 8.11
CA ALA A 521 -5.21 16.08 8.74
C ALA A 521 -3.78 15.55 8.49
N CYS A 522 -3.58 14.23 8.59
CA CYS A 522 -2.26 13.57 8.39
C CYS A 522 -1.87 13.67 6.91
N LEU A 523 -2.79 13.50 5.97
CA LEU A 523 -2.49 13.66 4.52
C LEU A 523 -2.13 15.14 4.26
N ASN A 524 -2.80 16.04 4.98
CA ASN A 524 -2.65 17.49 4.75
C ASN A 524 -1.26 17.92 5.23
N LEU A 525 -0.79 17.35 6.34
CA LEU A 525 0.60 17.54 6.84
C LEU A 525 1.61 17.26 5.73
N LEU A 526 1.37 16.20 4.96
CA LEU A 526 2.27 15.73 3.86
C LEU A 526 2.03 16.55 2.59
N GLY A 527 0.98 17.36 2.56
CA GLY A 527 0.58 18.15 1.40
C GLY A 527 -0.01 17.32 0.26
N VAL A 528 -0.62 16.18 0.56
CA VAL A 528 -1.18 15.27 -0.48
C VAL A 528 -2.66 14.98 -0.21
N LYS A 529 -3.34 15.83 0.57
CA LYS A 529 -4.79 15.66 0.83
C LYS A 529 -5.58 15.77 -0.50
N GLY A 530 -6.49 14.83 -0.75
CA GLY A 530 -7.50 14.91 -1.82
C GLY A 530 -6.89 14.70 -3.20
N ALA A 531 -7.63 15.07 -4.24
CA ALA A 531 -7.23 14.87 -5.64
C ALA A 531 -6.16 15.89 -6.00
N SER A 532 -5.31 15.58 -6.98
CA SER A 532 -4.23 16.49 -7.45
C SER A 532 -4.82 17.64 -8.28
N THR A 533 -4.45 18.86 -7.91
CA THR A 533 -4.71 20.10 -8.70
C THR A 533 -3.90 20.01 -10.01
N GLU A 534 -2.58 19.77 -9.92
CA GLU A 534 -1.66 19.69 -11.08
C GLU A 534 -2.21 18.68 -12.11
N SER A 535 -2.29 17.40 -11.76
CA SER A 535 -2.68 16.28 -12.67
C SER A 535 -3.15 15.06 -11.90
N PRO A 536 -4.27 14.42 -12.28
CA PRO A 536 -4.84 13.32 -11.50
C PRO A 536 -3.84 12.20 -11.25
N GLY A 537 -3.66 11.82 -9.97
CA GLY A 537 -2.80 10.70 -9.54
C GLY A 537 -1.50 11.18 -8.91
N MET A 538 -1.16 12.46 -9.06
CA MET A 538 0.14 13.00 -8.61
C MET A 538 0.22 12.99 -7.08
N ASN A 539 -0.89 13.18 -6.39
CA ASN A 539 -0.94 13.18 -4.91
C ASN A 539 -0.68 11.74 -4.39
N ALA A 540 -1.31 10.75 -4.98
CA ALA A 540 -1.20 9.33 -4.57
C ALA A 540 0.21 8.83 -4.91
N ARG A 541 0.78 9.24 -6.04
CA ARG A 541 2.19 8.96 -6.43
C ARG A 541 3.14 9.55 -5.40
N ARG A 542 2.96 10.83 -5.05
CA ARG A 542 3.86 11.49 -4.08
C ARG A 542 3.72 10.77 -2.74
N LEU A 543 2.49 10.40 -2.33
CA LEU A 543 2.31 9.65 -1.05
C LEU A 543 3.17 8.38 -1.09
N ALA A 544 3.14 7.65 -2.20
CA ALA A 544 3.88 6.38 -2.35
C ALA A 544 5.40 6.63 -2.17
N THR A 545 5.94 7.70 -2.77
CA THR A 545 7.38 8.09 -2.69
C THR A 545 7.72 8.42 -1.23
N ILE A 546 6.80 9.05 -0.49
CA ILE A 546 7.00 9.41 0.94
C ILE A 546 7.09 8.12 1.77
N VAL A 547 6.19 7.16 1.55
CA VAL A 547 6.22 5.84 2.24
C VAL A 547 7.60 5.22 2.01
N ALA A 548 8.05 5.16 0.76
CA ALA A 548 9.34 4.56 0.37
C ALA A 548 10.51 5.31 1.03
N GLY A 549 10.43 6.64 1.10
CA GLY A 549 11.45 7.45 1.77
C GLY A 549 11.51 7.15 3.25
N ALA A 550 10.34 7.03 3.90
CA ALA A 550 10.24 6.72 5.35
C ALA A 550 10.76 5.30 5.60
N VAL A 551 10.49 4.39 4.68
CA VAL A 551 10.98 2.97 4.78
C VAL A 551 12.51 3.00 4.67
N LEU A 552 13.06 3.75 3.74
CA LEU A 552 14.54 3.86 3.56
C LEU A 552 15.16 4.36 4.86
N ALA A 553 14.57 5.37 5.49
CA ALA A 553 15.04 5.95 6.77
C ALA A 553 15.04 4.88 7.85
N GLY A 554 13.92 4.15 7.96
CA GLY A 554 13.76 3.04 8.92
C GLY A 554 14.78 1.97 8.69
N GLU A 555 15.03 1.60 7.44
CA GLU A 555 16.01 0.54 7.09
C GLU A 555 17.40 1.03 7.51
N LEU A 556 17.77 2.27 7.17
CA LEU A 556 19.13 2.81 7.50
C LEU A 556 19.33 2.81 9.01
N SER A 557 18.33 3.25 9.77
CA SER A 557 18.42 3.41 11.24
C SER A 557 18.58 2.05 11.93
N LEU A 558 17.70 1.08 11.58
CA LEU A 558 17.70 -0.25 12.23
C LEU A 558 18.96 -1.00 11.84
N MET A 559 19.33 -0.98 10.56
CA MET A 559 20.53 -1.69 10.06
C MET A 559 21.81 -1.09 10.68
N SER A 560 21.90 0.24 10.81
CA SER A 560 23.01 0.97 11.49
C SER A 560 23.10 0.54 12.97
N ALA A 561 21.97 0.50 13.66
CA ALA A 561 21.89 0.11 15.09
C ALA A 561 22.39 -1.33 15.28
N ILE A 562 21.97 -2.24 14.40
CA ILE A 562 22.43 -3.65 14.42
C ILE A 562 23.96 -3.67 14.19
N ALA A 563 24.42 -3.01 13.14
CA ALA A 563 25.84 -3.03 12.73
C ALA A 563 26.69 -2.42 13.85
N ALA A 564 26.24 -1.29 14.42
CA ALA A 564 26.95 -0.51 15.46
C ALA A 564 27.04 -1.36 16.73
N GLY A 565 26.04 -2.22 16.96
CA GLY A 565 25.94 -3.08 18.14
C GLY A 565 26.88 -4.27 18.06
N GLN A 566 27.54 -4.49 16.92
CA GLN A 566 28.58 -5.55 16.76
C GLN A 566 29.86 -5.08 17.46
#